data_9F08
#
_entry.id   9F08
#
_cell.length_a   148.461
_cell.length_b   148.461
_cell.length_c   148.461
_cell.angle_alpha   90.000
_cell.angle_beta   90.000
_cell.angle_gamma   90.000
#
_symmetry.space_group_name_H-M   'I 21 3'
#
loop_
_entity.id
_entity.type
_entity.pdbx_description
1 polymer 'Nucleoside deoxyribosyltransferase'
2 non-polymer 2-deoxy-beta-D-erythro-pentofuranose
3 water water
#
_entity_poly.entity_id   1
_entity_poly.type   'polypeptide(L)'
_entity_poly.pdbx_seq_one_letter_code
;MPKKTIYFGAGWFTDRQNKAYKEAMEALKENPTIDLENSYVPLDNQYKGIRVDEHPEYLHDKVWATATYNNDLNGIKTND
IMLGVYIPDEEDVGLGMELGYALSQGKYVLLVIPDEDYGKPINLMSWGVSDNVIKMSQLKDFNFNKPRFDFYEGAVY
;
_entity_poly.pdbx_strand_id   A,B
#
# COMPACT_ATOMS: atom_id res chain seq x y z
N MET A 1 21.78 22.43 -15.41
CA MET A 1 20.88 21.90 -14.35
C MET A 1 20.47 20.47 -14.71
N PRO A 2 20.94 19.42 -14.00
CA PRO A 2 20.43 18.06 -14.20
C PRO A 2 18.96 17.97 -13.81
N LYS A 3 18.22 17.06 -14.45
CA LYS A 3 16.78 16.90 -14.24
C LYS A 3 16.47 15.43 -13.96
N LYS A 4 15.49 15.16 -13.08
CA LYS A 4 15.11 13.81 -12.73
C LYS A 4 13.68 13.56 -13.22
N THR A 5 13.36 12.31 -13.57
CA THR A 5 11.99 11.95 -13.89
C THR A 5 11.33 11.38 -12.63
N ILE A 6 10.00 11.39 -12.61
CA ILE A 6 9.23 10.92 -11.48
C ILE A 6 8.09 10.00 -11.94
N TYR A 7 7.60 9.21 -10.97
CA TYR A 7 6.34 8.50 -11.09
C TYR A 7 5.33 9.27 -10.27
N PHE A 8 4.22 9.68 -10.92
CA PHE A 8 3.22 10.54 -10.33
C PHE A 8 2.24 9.68 -9.55
N GLY A 9 2.62 9.31 -8.32
CA GLY A 9 1.71 8.56 -7.46
C GLY A 9 0.67 9.47 -6.80
N ALA A 10 -0.61 9.16 -7.03
CA ALA A 10 -1.73 9.94 -6.54
C ALA A 10 -3.03 9.21 -6.76
N GLY A 11 -3.90 9.18 -5.75
CA GLY A 11 -5.29 8.81 -5.97
C GLY A 11 -6.02 9.82 -6.86
N TRP A 12 -7.11 9.38 -7.48
CA TRP A 12 -7.94 10.24 -8.30
C TRP A 12 -9.43 9.96 -8.08
N PHE A 13 -9.78 9.58 -6.83
CA PHE A 13 -11.08 8.96 -6.53
C PHE A 13 -11.96 9.81 -5.60
N THR A 14 -11.49 10.99 -5.18
CA THR A 14 -12.25 11.91 -4.34
C THR A 14 -11.95 13.34 -4.79
N ASP A 15 -12.63 14.32 -4.19
CA ASP A 15 -12.47 15.72 -4.55
C ASP A 15 -11.17 16.26 -3.99
N ARG A 16 -10.86 15.90 -2.73
CA ARG A 16 -9.61 16.33 -2.14
C ARG A 16 -8.44 15.74 -2.93
N GLN A 17 -8.57 14.46 -3.36
CA GLN A 17 -7.52 13.77 -4.11
C GLN A 17 -7.28 14.51 -5.42
N ASN A 18 -8.37 14.89 -6.09
CA ASN A 18 -8.27 15.50 -7.40
C ASN A 18 -7.70 16.92 -7.27
N LYS A 19 -8.05 17.62 -6.19
CA LYS A 19 -7.55 18.96 -6.00
C LYS A 19 -6.02 18.89 -5.83
N ALA A 20 -5.58 18.02 -4.91
CA ALA A 20 -4.18 17.84 -4.61
C ALA A 20 -3.40 17.35 -5.85
N TYR A 21 -4.01 16.46 -6.61
CA TYR A 21 -3.45 15.99 -7.86
C TYR A 21 -3.11 17.18 -8.76
N LYS A 22 -4.10 18.06 -8.99
CA LYS A 22 -3.95 19.18 -9.92
C LYS A 22 -2.85 20.11 -9.43
N GLU A 23 -2.86 20.38 -8.12
CA GLU A 23 -1.89 21.26 -7.48
C GLU A 23 -0.48 20.71 -7.67
N ALA A 24 -0.34 19.39 -7.48
CA ALA A 24 0.97 18.76 -7.53
C ALA A 24 1.52 18.79 -8.95
N MET A 25 0.64 18.63 -9.94
CA MET A 25 1.06 18.64 -11.31
C MET A 25 1.57 20.03 -11.66
N GLU A 26 0.86 21.08 -11.24
CA GLU A 26 1.25 22.45 -11.56
C GLU A 26 2.59 22.78 -10.89
N ALA A 27 2.74 22.34 -9.63
CA ALA A 27 3.99 22.51 -8.93
C ALA A 27 5.15 21.88 -9.71
N LEU A 28 4.92 20.68 -10.27
CA LEU A 28 5.99 19.96 -10.96
C LEU A 28 6.43 20.67 -12.23
N LYS A 29 5.50 21.28 -12.95
CA LYS A 29 5.82 21.97 -14.19
C LYS A 29 6.76 23.15 -13.94
N GLU A 30 6.73 23.72 -12.72
CA GLU A 30 7.54 24.89 -12.39
C GLU A 30 8.85 24.50 -11.70
N ASN A 31 9.06 23.20 -11.44
CA ASN A 31 10.26 22.76 -10.74
C ASN A 31 11.38 22.53 -11.75
N PRO A 32 12.49 23.29 -11.71
CA PRO A 32 13.52 23.13 -12.75
C PRO A 32 14.40 21.88 -12.62
N THR A 33 14.23 21.07 -11.57
CA THR A 33 14.98 19.81 -11.46
C THR A 33 14.14 18.62 -11.95
N ILE A 34 12.96 18.85 -12.52
CA ILE A 34 12.06 17.81 -12.95
C ILE A 34 11.90 17.84 -14.46
N ASP A 35 12.09 16.68 -15.09
CA ASP A 35 11.72 16.48 -16.47
C ASP A 35 10.35 15.82 -16.46
N LEU A 36 9.30 16.66 -16.48
CA LEU A 36 7.94 16.19 -16.41
C LEU A 36 7.51 15.49 -17.69
N GLU A 37 8.09 15.87 -18.82
CA GLU A 37 7.62 15.34 -20.08
C GLU A 37 8.05 13.88 -20.23
N ASN A 38 9.15 13.46 -19.58
CA ASN A 38 9.63 12.09 -19.67
C ASN A 38 9.22 11.28 -18.44
N SER A 39 8.35 11.88 -17.61
CA SER A 39 7.91 11.28 -16.37
C SER A 39 6.73 10.38 -16.67
N TYR A 40 6.35 9.56 -15.69
CA TYR A 40 5.25 8.63 -15.88
C TYR A 40 4.06 9.07 -15.03
N VAL A 41 2.94 9.33 -15.72
CA VAL A 41 1.68 9.68 -15.08
C VAL A 41 0.73 8.51 -15.30
N PRO A 42 0.31 7.80 -14.25
CA PRO A 42 -0.61 6.67 -14.42
C PRO A 42 -1.78 6.97 -15.35
N LEU A 43 -2.50 8.06 -15.05
CA LEU A 43 -3.76 8.35 -15.73
C LEU A 43 -3.55 8.54 -17.23
N ASP A 44 -2.34 8.88 -17.68
CA ASP A 44 -2.03 8.99 -19.11
C ASP A 44 -1.48 7.70 -19.73
N ASN A 45 -1.44 6.60 -18.98
CA ASN A 45 -0.72 5.41 -19.43
C ASN A 45 -1.53 4.13 -19.16
N GLN A 46 -2.82 4.26 -18.91
CA GLN A 46 -3.65 3.09 -18.68
C GLN A 46 -3.77 2.41 -20.02
N TYR A 47 -3.89 1.08 -20.02
CA TYR A 47 -3.92 0.35 -21.28
C TYR A 47 -5.12 0.80 -22.12
N LYS A 48 -4.84 1.22 -23.36
CA LYS A 48 -5.82 1.85 -24.27
C LYS A 48 -6.71 2.94 -23.61
N GLY A 49 -6.15 3.89 -22.86
CA GLY A 49 -6.92 4.98 -22.29
C GLY A 49 -8.00 4.60 -21.25
N ILE A 50 -8.09 3.32 -20.86
CA ILE A 50 -9.27 2.85 -20.15
C ILE A 50 -9.17 3.22 -18.65
N ARG A 51 -10.28 3.76 -18.12
CA ARG A 51 -10.48 3.83 -16.68
C ARG A 51 -11.90 3.38 -16.39
N VAL A 52 -12.04 2.57 -15.35
CA VAL A 52 -13.26 1.84 -15.05
C VAL A 52 -14.42 2.80 -14.73
N ASP A 53 -14.16 4.11 -14.63
CA ASP A 53 -15.24 5.09 -14.49
C ASP A 53 -15.72 5.52 -15.89
N GLU A 54 -14.80 5.70 -16.86
CA GLU A 54 -15.17 6.14 -18.21
C GLU A 54 -15.59 5.01 -19.17
N HIS A 55 -14.99 3.82 -19.03
CA HIS A 55 -15.37 2.65 -19.83
C HIS A 55 -15.48 1.46 -18.89
N PRO A 56 -16.52 1.38 -18.03
CA PRO A 56 -16.72 0.31 -17.06
C PRO A 56 -16.75 -1.12 -17.57
N GLU A 57 -16.71 -1.29 -18.90
CA GLU A 57 -16.73 -2.62 -19.49
C GLU A 57 -15.42 -3.33 -19.14
N TYR A 58 -14.37 -2.58 -18.76
CA TYR A 58 -13.07 -3.17 -18.44
C TYR A 58 -12.95 -3.55 -16.95
N LEU A 59 -14.04 -3.47 -16.18
CA LEU A 59 -14.04 -3.81 -14.76
C LEU A 59 -13.61 -5.26 -14.52
N HIS A 60 -13.79 -6.13 -15.53
CA HIS A 60 -13.63 -7.57 -15.36
C HIS A 60 -12.69 -8.09 -16.45
N ASP A 61 -12.09 -7.19 -17.25
CA ASP A 61 -11.13 -7.56 -18.27
C ASP A 61 -9.71 -7.75 -17.67
N LYS A 62 -9.20 -8.99 -17.70
CA LYS A 62 -7.93 -9.34 -17.10
C LYS A 62 -6.75 -8.86 -17.94
N VAL A 63 -6.97 -8.69 -19.24
CA VAL A 63 -5.92 -8.22 -20.15
C VAL A 63 -5.64 -6.74 -19.86
N TRP A 64 -6.69 -5.92 -19.81
CA TRP A 64 -6.53 -4.52 -19.46
C TRP A 64 -5.84 -4.42 -18.08
N ALA A 65 -6.29 -5.21 -17.10
CA ALA A 65 -5.76 -5.15 -15.76
C ALA A 65 -4.27 -5.53 -15.73
N THR A 66 -3.91 -6.62 -16.42
CA THR A 66 -2.53 -7.07 -16.47
C THR A 66 -1.63 -5.98 -17.02
N ALA A 67 -1.98 -5.43 -18.18
CA ALA A 67 -1.13 -4.48 -18.88
C ALA A 67 -1.02 -3.17 -18.09
N THR A 68 -2.12 -2.70 -17.53
CA THR A 68 -2.11 -1.45 -16.76
C THR A 68 -1.25 -1.64 -15.51
N TYR A 69 -1.45 -2.75 -14.81
CA TYR A 69 -0.67 -3.02 -13.60
C TYR A 69 0.82 -3.00 -13.95
N ASN A 70 1.19 -3.75 -14.98
CA ASN A 70 2.58 -3.85 -15.41
C ASN A 70 3.14 -2.49 -15.79
N ASN A 71 2.30 -1.67 -16.41
CA ASN A 71 2.74 -0.37 -16.93
C ASN A 71 3.07 0.57 -15.78
N ASP A 72 2.23 0.57 -14.75
CA ASP A 72 2.46 1.31 -13.52
C ASP A 72 3.75 0.85 -12.85
N LEU A 73 3.97 -0.46 -12.75
CA LEU A 73 5.19 -0.94 -12.12
C LEU A 73 6.38 -0.46 -12.95
N ASN A 74 6.25 -0.60 -14.26
CA ASN A 74 7.29 -0.18 -15.18
C ASN A 74 7.60 1.32 -15.06
N GLY A 75 6.56 2.12 -14.86
CA GLY A 75 6.70 3.56 -14.69
C GLY A 75 7.46 3.91 -13.42
N ILE A 76 7.34 3.08 -12.38
CA ILE A 76 8.11 3.31 -11.18
C ILE A 76 9.57 2.92 -11.40
N LYS A 77 9.76 1.70 -11.91
CA LYS A 77 11.11 1.17 -11.98
C LYS A 77 11.97 1.95 -12.98
N THR A 78 11.41 2.56 -14.05
CA THR A 78 12.25 3.22 -15.04
C THR A 78 12.38 4.74 -14.80
N ASN A 79 11.84 5.28 -13.72
CA ASN A 79 11.96 6.71 -13.43
C ASN A 79 12.77 6.90 -12.15
N ASP A 80 13.30 8.11 -11.98
CA ASP A 80 14.30 8.34 -10.93
C ASP A 80 13.65 8.34 -9.56
N ILE A 81 12.46 8.92 -9.45
CA ILE A 81 11.94 9.31 -8.15
C ILE A 81 10.46 8.95 -8.05
N MET A 82 10.08 8.45 -6.88
CA MET A 82 8.72 8.06 -6.56
C MET A 82 8.06 9.17 -5.76
N LEU A 83 6.97 9.68 -6.31
CA LEU A 83 6.19 10.72 -5.69
C LEU A 83 4.86 10.14 -5.25
N GLY A 84 4.43 10.53 -4.06
CA GLY A 84 3.13 10.16 -3.54
C GLY A 84 2.35 11.36 -3.03
N VAL A 85 1.43 11.86 -3.85
CA VAL A 85 0.44 12.84 -3.42
C VAL A 85 -0.50 12.16 -2.44
N TYR A 86 -0.57 12.67 -1.21
CA TYR A 86 -1.10 11.92 -0.08
C TYR A 86 -2.09 12.76 0.74
N ILE A 87 -3.33 12.26 0.86
CA ILE A 87 -4.35 12.87 1.71
C ILE A 87 -4.46 12.05 2.98
N PRO A 88 -4.02 12.57 4.14
CA PRO A 88 -4.07 11.84 5.42
C PRO A 88 -5.40 11.20 5.82
N ASP A 89 -6.52 11.81 5.43
CA ASP A 89 -7.86 11.37 5.77
C ASP A 89 -8.42 10.45 4.70
N GLU A 90 -7.78 10.42 3.52
CA GLU A 90 -8.26 9.65 2.38
C GLU A 90 -7.09 8.90 1.76
N GLU A 91 -6.46 8.05 2.57
CA GLU A 91 -5.30 7.30 2.11
C GLU A 91 -5.71 6.26 1.07
N ASP A 92 -4.77 5.91 0.19
CA ASP A 92 -5.06 5.05 -0.95
C ASP A 92 -4.20 3.78 -0.95
N VAL A 93 -4.89 2.64 -1.01
CA VAL A 93 -4.28 1.32 -1.00
C VAL A 93 -3.34 1.13 -2.20
N GLY A 94 -3.72 1.67 -3.35
CA GLY A 94 -2.93 1.51 -4.58
C GLY A 94 -1.58 2.21 -4.46
N LEU A 95 -1.63 3.44 -3.92
CA LEU A 95 -0.43 4.21 -3.65
C LEU A 95 0.44 3.47 -2.63
N GLY A 96 -0.18 2.99 -1.56
CA GLY A 96 0.53 2.18 -0.58
C GLY A 96 1.36 1.08 -1.26
N MET A 97 0.71 0.30 -2.13
CA MET A 97 1.39 -0.79 -2.82
C MET A 97 2.57 -0.21 -3.61
N GLU A 98 2.31 0.88 -4.35
CA GLU A 98 3.30 1.49 -5.21
C GLU A 98 4.49 2.00 -4.38
N LEU A 99 4.20 2.55 -3.20
CA LEU A 99 5.28 2.98 -2.31
C LEU A 99 6.18 1.79 -1.99
N GLY A 100 5.57 0.67 -1.62
CA GLY A 100 6.30 -0.55 -1.29
C GLY A 100 7.12 -1.07 -2.46
N TYR A 101 6.60 -0.95 -3.70
CA TYR A 101 7.32 -1.36 -4.87
C TYR A 101 8.51 -0.42 -5.09
N ALA A 102 8.26 0.89 -4.97
CA ALA A 102 9.30 1.90 -5.12
C ALA A 102 10.46 1.63 -4.15
N LEU A 103 10.18 1.28 -2.90
CA LEU A 103 11.20 0.91 -1.93
C LEU A 103 11.98 -0.29 -2.47
N SER A 104 11.28 -1.31 -2.92
CA SER A 104 11.95 -2.51 -3.43
C SER A 104 12.88 -2.16 -4.60
N GLN A 105 12.57 -1.08 -5.35
CA GLN A 105 13.35 -0.75 -6.53
C GLN A 105 14.40 0.33 -6.21
N GLY A 106 14.61 0.68 -4.93
CA GLY A 106 15.71 1.57 -4.62
C GLY A 106 15.43 3.05 -4.91
N LYS A 107 14.16 3.44 -5.03
CA LYS A 107 13.80 4.80 -5.38
C LYS A 107 13.58 5.68 -4.16
N TYR A 108 13.98 6.95 -4.28
CA TYR A 108 13.65 7.96 -3.30
C TYR A 108 12.14 8.11 -3.27
N VAL A 109 11.56 8.03 -2.07
CA VAL A 109 10.13 8.05 -1.90
C VAL A 109 9.76 9.34 -1.19
N LEU A 110 9.08 10.24 -1.88
CA LEU A 110 8.71 11.55 -1.38
C LEU A 110 7.19 11.62 -1.35
N LEU A 111 6.64 11.84 -0.14
CA LEU A 111 5.23 12.17 -0.02
C LEU A 111 5.02 13.69 -0.04
N VAL A 112 3.92 14.12 -0.63
CA VAL A 112 3.49 15.50 -0.71
C VAL A 112 2.06 15.59 -0.20
N ILE A 113 1.85 16.38 0.85
CA ILE A 113 0.58 16.58 1.50
C ILE A 113 0.14 18.03 1.31
N PRO A 114 -1.11 18.29 0.93
CA PRO A 114 -1.65 19.65 0.89
C PRO A 114 -1.31 20.43 2.15
N ASP A 115 -0.99 21.73 1.98
CA ASP A 115 -0.57 22.56 3.11
C ASP A 115 -1.63 22.50 4.20
N GLU A 116 -2.91 22.53 3.80
CA GLU A 116 -4.03 22.54 4.73
C GLU A 116 -4.10 21.25 5.55
N ASP A 117 -3.46 20.15 5.09
CA ASP A 117 -3.50 18.88 5.82
C ASP A 117 -2.17 18.51 6.46
N TYR A 118 -1.08 19.22 6.13
CA TYR A 118 0.25 18.85 6.60
C TYR A 118 0.26 18.95 8.13
N GLY A 119 0.73 17.87 8.79
CA GLY A 119 0.70 17.76 10.24
C GLY A 119 -0.27 16.69 10.73
N LYS A 120 -1.31 16.41 9.93
CA LYS A 120 -2.32 15.46 10.31
C LYS A 120 -1.74 14.03 10.33
N PRO A 121 -2.30 13.14 11.17
CA PRO A 121 -1.74 11.79 11.32
C PRO A 121 -1.72 11.03 10.00
N ILE A 122 -0.63 10.27 9.75
CA ILE A 122 -0.60 9.37 8.60
C ILE A 122 -0.31 7.96 9.07
N ASN A 123 -0.72 6.97 8.27
CA ASN A 123 -0.45 5.57 8.58
C ASN A 123 1.03 5.36 8.82
N LEU A 124 1.34 4.63 9.88
CA LEU A 124 2.70 4.29 10.26
C LEU A 124 3.51 3.72 9.08
N MET A 125 2.89 2.88 8.25
CA MET A 125 3.65 2.21 7.21
C MET A 125 3.98 3.22 6.11
N SER A 126 3.12 4.21 5.91
CA SER A 126 3.38 5.28 4.97
C SER A 126 4.54 6.16 5.45
N TRP A 127 4.50 6.51 6.72
CA TRP A 127 5.57 7.24 7.38
C TRP A 127 6.91 6.53 7.18
N GLY A 128 6.89 5.21 7.32
CA GLY A 128 8.09 4.40 7.32
C GLY A 128 8.65 4.15 5.92
N VAL A 129 7.80 3.86 4.92
CA VAL A 129 8.32 3.65 3.57
C VAL A 129 8.94 4.93 3.05
N SER A 130 8.39 6.08 3.44
CA SER A 130 8.78 7.34 2.87
C SER A 130 10.19 7.67 3.36
N ASP A 131 10.94 8.34 2.51
CA ASP A 131 12.22 8.92 2.88
C ASP A 131 12.08 10.36 3.37
N ASN A 132 10.97 11.01 3.00
CA ASN A 132 10.77 12.41 3.33
C ASN A 132 9.31 12.73 3.04
N VAL A 133 8.78 13.77 3.71
CA VAL A 133 7.44 14.25 3.43
C VAL A 133 7.35 15.77 3.60
N ILE A 134 6.78 16.41 2.57
CA ILE A 134 6.79 17.85 2.40
C ILE A 134 5.36 18.34 2.13
N LYS A 135 5.20 19.67 2.13
CA LYS A 135 3.90 20.27 1.88
C LYS A 135 3.81 20.59 0.40
N MET A 136 2.57 20.65 -0.13
CA MET A 136 2.35 20.94 -1.53
C MET A 136 3.13 22.19 -1.99
N SER A 137 3.23 23.20 -1.13
CA SER A 137 3.83 24.48 -1.53
C SER A 137 5.36 24.39 -1.59
N GLN A 138 5.95 23.27 -1.14
CA GLN A 138 7.38 23.07 -1.25
C GLN A 138 7.77 22.35 -2.56
N LEU A 139 6.81 21.86 -3.32
CA LEU A 139 7.11 20.89 -4.35
C LEU A 139 7.73 21.57 -5.58
N LYS A 140 7.25 22.77 -5.94
CA LYS A 140 7.80 23.54 -7.06
C LYS A 140 9.29 23.83 -6.85
N ASP A 141 9.79 23.80 -5.61
CA ASP A 141 11.16 24.25 -5.34
C ASP A 141 12.04 23.14 -4.82
N PHE A 142 11.46 21.95 -4.63
CA PHE A 142 12.22 20.83 -4.10
C PHE A 142 13.39 20.52 -5.04
N ASN A 143 14.59 20.37 -4.49
CA ASN A 143 15.75 20.00 -5.30
C ASN A 143 15.87 18.48 -5.38
N PHE A 144 15.38 17.91 -6.48
CA PHE A 144 15.39 16.47 -6.69
C PHE A 144 16.77 15.94 -7.03
N ASN A 145 17.78 16.81 -7.21
CA ASN A 145 19.12 16.34 -7.48
C ASN A 145 19.85 15.98 -6.20
N LYS A 146 19.37 16.49 -5.06
CA LYS A 146 19.99 16.23 -3.76
C LYS A 146 18.92 15.80 -2.75
N PRO A 147 18.21 14.69 -3.01
CA PRO A 147 17.12 14.27 -2.14
C PRO A 147 17.70 13.64 -0.88
N ARG A 148 17.18 14.05 0.28
CA ARG A 148 17.71 13.61 1.57
C ARG A 148 16.58 13.00 2.41
N PHE A 149 16.97 12.20 3.41
CA PHE A 149 16.07 11.63 4.39
C PHE A 149 15.69 12.67 5.45
N ASP A 150 14.40 12.82 5.73
CA ASP A 150 13.93 13.69 6.81
C ASP A 150 12.61 13.14 7.35
N PHE A 151 12.32 13.45 8.61
CA PHE A 151 11.09 12.99 9.26
C PHE A 151 9.93 13.94 9.02
N TYR A 152 8.72 13.38 8.80
CA TYR A 152 7.49 14.16 8.82
C TYR A 152 7.38 14.94 10.13
N GLU A 153 7.02 16.22 10.00
CA GLU A 153 6.68 17.08 11.13
C GLU A 153 5.18 16.95 11.37
N GLY A 154 4.78 15.86 12.03
CA GLY A 154 3.40 15.45 12.13
C GLY A 154 3.28 14.07 12.75
N ALA A 155 2.02 13.64 12.94
CA ALA A 155 1.76 12.42 13.69
C ALA A 155 1.61 11.22 12.76
N VAL A 156 1.75 10.05 13.37
CA VAL A 156 1.29 8.80 12.77
C VAL A 156 0.17 8.20 13.60
N TYR A 157 -0.59 7.28 12.99
CA TYR A 157 -1.39 6.32 13.73
C TYR A 157 -0.95 4.89 13.34
N MET B 1 1.68 -33.31 7.86
CA MET B 1 1.60 -31.95 7.23
C MET B 1 2.81 -31.13 7.69
N PRO B 2 3.70 -30.69 6.78
CA PRO B 2 4.55 -29.51 7.05
C PRO B 2 3.66 -28.29 7.32
N LYS B 3 4.19 -27.31 8.06
CA LYS B 3 3.44 -26.11 8.42
C LYS B 3 4.21 -24.85 7.99
N LYS B 4 3.50 -23.80 7.59
CA LYS B 4 4.14 -22.55 7.19
C LYS B 4 3.70 -21.46 8.15
N THR B 5 4.56 -20.44 8.37
CA THR B 5 4.17 -19.30 9.18
C THR B 5 3.68 -18.18 8.26
N ILE B 6 2.92 -17.25 8.84
CA ILE B 6 2.36 -16.12 8.10
C ILE B 6 2.59 -14.80 8.86
N TYR B 7 2.46 -13.70 8.10
CA TYR B 7 2.23 -12.38 8.68
C TYR B 7 0.76 -12.04 8.51
N PHE B 8 0.13 -11.67 9.64
CA PHE B 8 -1.31 -11.41 9.71
C PHE B 8 -1.58 -9.95 9.31
N GLY B 9 -1.66 -9.74 8.01
CA GLY B 9 -2.01 -8.43 7.50
C GLY B 9 -3.52 -8.20 7.50
N ALA B 10 -3.97 -7.17 8.23
CA ALA B 10 -5.38 -6.86 8.42
C ALA B 10 -5.51 -5.51 9.11
N GLY B 11 -6.39 -4.66 8.57
CA GLY B 11 -6.81 -3.45 9.28
C GLY B 11 -7.56 -3.78 10.57
N TRP B 12 -7.62 -2.79 11.48
CA TRP B 12 -8.32 -2.96 12.75
C TRP B 12 -9.07 -1.70 13.14
N PHE B 13 -9.60 -0.96 12.15
CA PHE B 13 -10.03 0.43 12.32
C PHE B 13 -11.54 0.62 12.11
N THR B 14 -12.26 -0.46 11.74
CA THR B 14 -13.70 -0.42 11.54
C THR B 14 -14.31 -1.71 12.07
N ASP B 15 -15.65 -1.80 11.98
CA ASP B 15 -16.40 -2.95 12.43
C ASP B 15 -16.20 -4.09 11.45
N ARG B 16 -16.30 -3.79 10.15
CA ARG B 16 -16.14 -4.82 9.14
C ARG B 16 -14.73 -5.40 9.26
N GLN B 17 -13.73 -4.51 9.46
CA GLN B 17 -12.33 -4.92 9.55
C GLN B 17 -12.15 -5.88 10.74
N ASN B 18 -12.75 -5.52 11.87
CA ASN B 18 -12.58 -6.31 13.09
C ASN B 18 -13.31 -7.64 12.97
N LYS B 19 -14.44 -7.65 12.27
CA LYS B 19 -15.19 -8.88 12.09
C LYS B 19 -14.34 -9.84 11.28
N ALA B 20 -13.85 -9.37 10.13
CA ALA B 20 -13.04 -10.17 9.21
C ALA B 20 -11.75 -10.62 9.89
N TYR B 21 -11.14 -9.73 10.67
CA TYR B 21 -9.98 -10.07 11.46
C TYR B 21 -10.24 -11.32 12.32
N LYS B 22 -11.34 -11.27 13.11
CA LYS B 22 -11.63 -12.32 14.08
C LYS B 22 -11.92 -13.62 13.33
N GLU B 23 -12.68 -13.52 12.22
CA GLU B 23 -13.01 -14.67 11.38
C GLU B 23 -11.75 -15.30 10.81
N ALA B 24 -10.82 -14.47 10.35
CA ALA B 24 -9.62 -14.96 9.69
C ALA B 24 -8.73 -15.69 10.69
N MET B 25 -8.66 -15.16 11.92
CA MET B 25 -7.87 -15.78 12.96
C MET B 25 -8.46 -17.14 13.29
N GLU B 26 -9.80 -17.24 13.41
CA GLU B 26 -10.46 -18.50 13.73
C GLU B 26 -10.21 -19.52 12.62
N ALA B 27 -10.34 -19.07 11.37
CA ALA B 27 -10.08 -19.93 10.23
C ALA B 27 -8.66 -20.48 10.30
N LEU B 28 -7.69 -19.63 10.67
CA LEU B 28 -6.29 -20.04 10.68
C LEU B 28 -6.02 -21.11 11.74
N LYS B 29 -6.68 -21.00 12.90
CA LYS B 29 -6.47 -21.96 13.99
C LYS B 29 -6.91 -23.36 13.58
N GLU B 30 -7.84 -23.46 12.62
CA GLU B 30 -8.36 -24.74 12.16
C GLU B 30 -7.63 -25.23 10.91
N ASN B 31 -6.72 -24.43 10.36
CA ASN B 31 -5.99 -24.81 9.15
C ASN B 31 -4.75 -25.59 9.53
N PRO B 32 -4.64 -26.90 9.18
CA PRO B 32 -3.52 -27.69 9.64
C PRO B 32 -2.17 -27.44 8.97
N THR B 33 -2.10 -26.55 7.96
CA THR B 33 -0.84 -26.24 7.31
C THR B 33 -0.23 -24.95 7.86
N ILE B 34 -0.84 -24.37 8.92
CA ILE B 34 -0.40 -23.11 9.46
C ILE B 34 0.17 -23.30 10.87
N ASP B 35 1.38 -22.77 11.08
CA ASP B 35 1.93 -22.66 12.42
C ASP B 35 1.64 -21.25 12.90
N LEU B 36 0.47 -21.09 13.53
CA LEU B 36 0.00 -19.79 13.99
C LEU B 36 0.80 -19.29 15.17
N GLU B 37 1.37 -20.19 15.98
CA GLU B 37 2.01 -19.74 17.20
C GLU B 37 3.35 -19.08 16.87
N ASN B 38 3.97 -19.45 15.74
CA ASN B 38 5.25 -18.89 15.37
C ASN B 38 5.06 -17.84 14.26
N SER B 39 3.79 -17.50 13.99
CA SER B 39 3.43 -16.46 13.05
C SER B 39 3.54 -15.10 13.69
N TYR B 40 3.43 -14.05 12.87
CA TYR B 40 3.58 -12.70 13.36
C TYR B 40 2.23 -12.00 13.20
N VAL B 41 1.70 -11.59 14.35
CA VAL B 41 0.44 -10.87 14.43
C VAL B 41 0.80 -9.46 14.89
N PRO B 42 0.63 -8.43 14.05
CA PRO B 42 1.00 -7.07 14.48
C PRO B 42 0.48 -6.72 15.87
N LEU B 43 -0.82 -6.88 16.09
CA LEU B 43 -1.44 -6.36 17.30
C LEU B 43 -0.89 -7.03 18.57
N ASP B 44 -0.27 -8.22 18.45
CA ASP B 44 0.39 -8.88 19.58
C ASP B 44 1.89 -8.59 19.68
N ASN B 45 2.38 -7.62 18.91
CA ASN B 45 3.82 -7.36 18.81
C ASN B 45 4.05 -5.85 18.88
N GLN B 46 3.28 -5.20 19.74
CA GLN B 46 3.41 -3.76 19.93
C GLN B 46 4.68 -3.55 20.73
N TYR B 47 5.43 -2.50 20.40
CA TYR B 47 6.80 -2.38 20.88
C TYR B 47 6.78 -2.20 22.39
N LYS B 48 7.55 -3.04 23.10
CA LYS B 48 7.73 -2.98 24.55
C LYS B 48 6.36 -3.04 25.25
N GLY B 49 5.42 -3.80 24.67
CA GLY B 49 4.10 -3.99 25.27
C GLY B 49 3.25 -2.72 25.40
N ILE B 50 3.73 -1.56 24.92
CA ILE B 50 3.04 -0.30 25.23
C ILE B 50 1.84 -0.16 24.31
N ARG B 51 0.67 0.18 24.87
CA ARG B 51 -0.56 0.14 24.10
C ARG B 51 -0.95 1.56 23.67
N VAL B 52 -0.94 1.75 22.34
CA VAL B 52 -1.05 3.06 21.71
C VAL B 52 -2.40 3.71 22.04
N ASP B 53 -3.40 2.87 22.37
CA ASP B 53 -4.74 3.35 22.73
C ASP B 53 -4.74 3.95 24.14
N GLU B 54 -3.90 3.40 25.03
CA GLU B 54 -3.85 3.82 26.43
C GLU B 54 -2.89 5.01 26.59
N HIS B 55 -1.89 5.14 25.69
CA HIS B 55 -0.91 6.21 25.78
C HIS B 55 -0.69 6.81 24.40
N PRO B 56 -1.67 7.56 23.83
CA PRO B 56 -1.54 8.15 22.50
C PRO B 56 -0.38 9.14 22.25
N GLU B 57 0.34 9.47 23.32
CA GLU B 57 1.46 10.39 23.20
C GLU B 57 2.59 9.73 22.40
N TYR B 58 2.59 8.39 22.28
CA TYR B 58 3.63 7.71 21.53
C TYR B 58 3.44 7.84 20.00
N LEU B 59 2.35 8.45 19.53
CA LEU B 59 2.14 8.71 18.11
C LEU B 59 2.88 9.96 17.61
N HIS B 60 3.69 10.55 18.50
CA HIS B 60 4.60 11.63 18.13
C HIS B 60 6.02 11.23 18.48
N ASP B 61 6.21 10.00 18.98
CA ASP B 61 7.50 9.49 19.36
C ASP B 61 8.07 8.72 18.16
N LYS B 62 9.21 9.19 17.64
CA LYS B 62 9.83 8.64 16.44
C LYS B 62 10.48 7.28 16.71
N VAL B 63 10.91 7.05 17.96
CA VAL B 63 11.52 5.79 18.35
C VAL B 63 10.45 4.70 18.39
N TRP B 64 9.32 4.95 19.03
CA TRP B 64 8.21 4.00 19.01
C TRP B 64 7.85 3.67 17.55
N ALA B 65 7.71 4.70 16.71
CA ALA B 65 7.30 4.53 15.34
C ALA B 65 8.31 3.70 14.55
N THR B 66 9.62 4.02 14.73
CA THR B 66 10.68 3.32 14.03
C THR B 66 10.66 1.83 14.39
N ALA B 67 10.62 1.53 15.70
CA ALA B 67 10.71 0.15 16.17
C ALA B 67 9.49 -0.66 15.70
N THR B 68 8.31 -0.06 15.76
CA THR B 68 7.10 -0.78 15.37
C THR B 68 7.14 -1.06 13.88
N TYR B 69 7.48 -0.03 13.10
CA TYR B 69 7.55 -0.17 11.64
C TYR B 69 8.51 -1.29 11.30
N ASN B 70 9.70 -1.25 11.89
CA ASN B 70 10.72 -2.25 11.63
C ASN B 70 10.26 -3.65 12.05
N ASN B 71 9.48 -3.73 13.13
CA ASN B 71 9.03 -5.02 13.66
C ASN B 71 8.04 -5.65 12.70
N ASP B 72 7.13 -4.84 12.15
CA ASP B 72 6.23 -5.27 11.09
C ASP B 72 7.00 -5.74 9.87
N LEU B 73 8.00 -4.96 9.42
CA LEU B 73 8.76 -5.37 8.25
C LEU B 73 9.45 -6.69 8.57
N ASN B 74 10.00 -6.78 9.78
CA ASN B 74 10.68 -7.99 10.20
C ASN B 74 9.75 -9.20 10.25
N GLY B 75 8.51 -8.97 10.70
CA GLY B 75 7.47 -9.99 10.75
C GLY B 75 7.11 -10.50 9.35
N ILE B 76 7.18 -9.62 8.34
CA ILE B 76 6.91 -10.06 6.99
C ILE B 76 8.08 -10.88 6.44
N LYS B 77 9.28 -10.33 6.61
CA LYS B 77 10.43 -10.93 5.96
C LYS B 77 10.79 -12.28 6.60
N THR B 78 10.52 -12.50 7.90
CA THR B 78 10.97 -13.73 8.55
C THR B 78 9.90 -14.81 8.52
N ASN B 79 8.74 -14.57 7.90
CA ASN B 79 7.70 -15.60 7.86
C ASN B 79 7.46 -16.02 6.41
N ASP B 80 6.84 -17.19 6.24
CA ASP B 80 6.80 -17.83 4.93
C ASP B 80 5.85 -17.08 3.99
N ILE B 81 4.72 -16.61 4.54
CA ILE B 81 3.61 -16.25 3.69
C ILE B 81 2.99 -14.96 4.21
N MET B 82 2.56 -14.15 3.25
CA MET B 82 1.96 -12.86 3.54
C MET B 82 0.46 -12.99 3.34
N LEU B 83 -0.28 -12.72 4.42
CA LEU B 83 -1.73 -12.77 4.40
C LEU B 83 -2.23 -11.34 4.49
N GLY B 84 -3.21 -11.03 3.65
CA GLY B 84 -3.90 -9.74 3.68
C GLY B 84 -5.42 -9.93 3.77
N VAL B 85 -5.95 -9.79 4.98
CA VAL B 85 -7.39 -9.72 5.16
C VAL B 85 -7.86 -8.39 4.60
N TYR B 86 -8.75 -8.42 3.61
CA TYR B 86 -9.02 -7.28 2.75
C TYR B 86 -10.52 -6.98 2.63
N ILE B 87 -10.93 -5.76 3.00
CA ILE B 87 -12.29 -5.29 2.85
C ILE B 87 -12.36 -4.33 1.66
N PRO B 88 -12.99 -4.75 0.54
CA PRO B 88 -13.06 -3.92 -0.68
C PRO B 88 -13.56 -2.48 -0.55
N ASP B 89 -14.44 -2.21 0.41
CA ASP B 89 -14.98 -0.87 0.60
C ASP B 89 -14.19 -0.10 1.65
N GLU B 90 -13.28 -0.77 2.36
CA GLU B 90 -12.50 -0.15 3.41
C GLU B 90 -11.02 -0.53 3.23
N GLU B 91 -10.51 -0.23 2.05
CA GLU B 91 -9.14 -0.58 1.69
C GLU B 91 -8.14 0.19 2.55
N ASP B 92 -7.01 -0.42 2.90
CA ASP B 92 -6.07 0.15 3.85
C ASP B 92 -4.69 0.42 3.22
N VAL B 93 -4.23 1.68 3.32
CA VAL B 93 -2.97 2.10 2.74
C VAL B 93 -1.79 1.32 3.37
N GLY B 94 -1.87 1.06 4.68
CA GLY B 94 -0.81 0.35 5.39
C GLY B 94 -0.64 -1.09 4.89
N LEU B 95 -1.78 -1.77 4.69
CA LEU B 95 -1.80 -3.12 4.15
C LEU B 95 -1.20 -3.09 2.74
N GLY B 96 -1.67 -2.14 1.92
CA GLY B 96 -1.13 -1.97 0.59
C GLY B 96 0.41 -1.93 0.63
N MET B 97 0.98 -1.10 1.50
CA MET B 97 2.42 -0.96 1.62
C MET B 97 3.02 -2.33 1.96
N GLU B 98 2.42 -3.02 2.93
CA GLU B 98 2.92 -4.31 3.41
C GLU B 98 2.89 -5.34 2.28
N LEU B 99 1.81 -5.31 1.48
CA LEU B 99 1.72 -6.18 0.31
C LEU B 99 2.91 -5.94 -0.62
N GLY B 100 3.21 -4.67 -0.91
CA GLY B 100 4.33 -4.29 -1.76
C GLY B 100 5.66 -4.78 -1.18
N TYR B 101 5.83 -4.70 0.14
CA TYR B 101 7.04 -5.18 0.77
C TYR B 101 7.13 -6.70 0.67
N ALA B 102 6.01 -7.38 0.94
CA ALA B 102 5.96 -8.84 0.81
C ALA B 102 6.38 -9.29 -0.59
N LEU B 103 5.89 -8.64 -1.63
CA LEU B 103 6.33 -8.92 -3.00
C LEU B 103 7.84 -8.75 -3.11
N SER B 104 8.36 -7.64 -2.61
CA SER B 104 9.78 -7.37 -2.70
C SER B 104 10.59 -8.46 -2.01
N GLN B 105 10.02 -9.10 -0.97
CA GLN B 105 10.76 -10.10 -0.22
C GLN B 105 10.50 -11.51 -0.72
N GLY B 106 9.81 -11.68 -1.84
CA GLY B 106 9.72 -13.01 -2.44
C GLY B 106 8.66 -13.90 -1.78
N LYS B 107 7.67 -13.31 -1.11
CA LYS B 107 6.66 -14.08 -0.39
C LYS B 107 5.43 -14.31 -1.26
N TYR B 108 4.79 -15.48 -1.07
CA TYR B 108 3.44 -15.70 -1.55
C TYR B 108 2.50 -14.70 -0.88
N VAL B 109 1.71 -14.01 -1.69
CA VAL B 109 0.83 -12.97 -1.20
C VAL B 109 -0.61 -13.44 -1.41
N LEU B 110 -1.31 -13.69 -0.29
CA LEU B 110 -2.68 -14.19 -0.34
C LEU B 110 -3.60 -13.14 0.27
N LEU B 111 -4.57 -12.66 -0.49
CA LEU B 111 -5.66 -11.87 0.06
C LEU B 111 -6.85 -12.79 0.39
N VAL B 112 -7.54 -12.42 1.47
CA VAL B 112 -8.74 -13.09 1.94
C VAL B 112 -9.82 -12.04 2.14
N ILE B 113 -10.95 -12.19 1.41
CA ILE B 113 -12.07 -11.28 1.42
C ILE B 113 -13.28 -12.00 2.04
N PRO B 114 -14.01 -11.36 2.97
CA PRO B 114 -15.26 -11.93 3.49
C PRO B 114 -16.20 -12.35 2.35
N ASP B 115 -16.86 -13.50 2.53
CA ASP B 115 -17.68 -14.09 1.48
C ASP B 115 -18.75 -13.10 1.04
N GLU B 116 -19.30 -12.34 1.99
CA GLU B 116 -20.34 -11.35 1.69
C GLU B 116 -19.83 -10.24 0.78
N ASP B 117 -18.50 -10.04 0.67
CA ASP B 117 -17.92 -8.97 -0.12
C ASP B 117 -17.18 -9.51 -1.34
N TYR B 118 -16.94 -10.83 -1.42
CA TYR B 118 -16.16 -11.38 -2.52
C TYR B 118 -16.87 -11.09 -3.84
N GLY B 119 -16.14 -10.53 -4.81
CA GLY B 119 -16.69 -10.08 -6.09
C GLY B 119 -16.72 -8.54 -6.21
N LYS B 120 -16.74 -7.83 -5.08
CA LYS B 120 -16.78 -6.38 -5.09
C LYS B 120 -15.45 -5.80 -5.60
N PRO B 121 -15.47 -4.58 -6.19
CA PRO B 121 -14.29 -4.05 -6.88
C PRO B 121 -13.13 -3.82 -5.93
N ILE B 122 -11.89 -4.18 -6.37
CA ILE B 122 -10.69 -3.91 -5.59
C ILE B 122 -9.70 -3.12 -6.45
N ASN B 123 -8.85 -2.38 -5.75
CA ASN B 123 -7.79 -1.62 -6.40
C ASN B 123 -6.93 -2.53 -7.31
N LEU B 124 -6.67 -2.06 -8.52
CA LEU B 124 -5.81 -2.71 -9.49
C LEU B 124 -4.50 -3.17 -8.88
N MET B 125 -3.89 -2.36 -8.04
CA MET B 125 -2.56 -2.69 -7.55
C MET B 125 -2.67 -3.82 -6.53
N SER B 126 -3.83 -3.91 -5.85
CA SER B 126 -4.06 -5.03 -4.95
C SER B 126 -4.24 -6.33 -5.74
N TRP B 127 -5.06 -6.25 -6.78
CA TRP B 127 -5.27 -7.35 -7.70
C TRP B 127 -3.93 -7.88 -8.22
N GLY B 128 -3.01 -6.95 -8.54
CA GLY B 128 -1.74 -7.29 -9.16
C GLY B 128 -0.69 -7.79 -8.17
N VAL B 129 -0.57 -7.20 -6.97
CA VAL B 129 0.44 -7.67 -6.02
C VAL B 129 0.10 -9.10 -5.60
N SER B 130 -1.21 -9.41 -5.57
CA SER B 130 -1.68 -10.70 -5.09
C SER B 130 -1.17 -11.79 -6.01
N ASP B 131 -0.81 -12.91 -5.40
CA ASP B 131 -0.67 -14.16 -6.14
C ASP B 131 -1.99 -14.94 -6.19
N ASN B 132 -2.92 -14.64 -5.28
CA ASN B 132 -4.22 -15.27 -5.27
C ASN B 132 -5.15 -14.49 -4.34
N VAL B 133 -6.45 -14.54 -4.63
CA VAL B 133 -7.42 -14.02 -3.66
C VAL B 133 -8.64 -14.95 -3.53
N ILE B 134 -8.92 -15.26 -2.26
CA ILE B 134 -9.86 -16.30 -1.86
C ILE B 134 -10.89 -15.68 -0.92
N LYS B 135 -11.94 -16.46 -0.63
CA LYS B 135 -12.99 -16.00 0.26
C LYS B 135 -12.66 -16.50 1.66
N MET B 136 -13.17 -15.79 2.66
CA MET B 136 -12.91 -16.15 4.05
C MET B 136 -13.19 -17.63 4.30
N SER B 137 -14.22 -18.19 3.65
CA SER B 137 -14.67 -19.54 3.93
C SER B 137 -13.70 -20.59 3.35
N GLN B 138 -12.74 -20.17 2.51
CA GLN B 138 -11.77 -21.11 1.94
C GLN B 138 -10.47 -21.16 2.74
N LEU B 139 -10.34 -20.30 3.75
CA LEU B 139 -9.07 -20.09 4.42
C LEU B 139 -8.74 -21.27 5.31
N LYS B 140 -9.74 -21.85 6.01
CA LYS B 140 -9.55 -22.99 6.91
C LYS B 140 -8.86 -24.14 6.19
N ASP B 141 -9.08 -24.27 4.87
CA ASP B 141 -8.65 -25.48 4.17
C ASP B 141 -7.63 -25.17 3.09
N PHE B 142 -7.20 -23.91 3.01
CA PHE B 142 -6.19 -23.54 2.04
C PHE B 142 -4.92 -24.34 2.33
N ASN B 143 -4.33 -24.94 1.29
CA ASN B 143 -3.11 -25.69 1.46
C ASN B 143 -1.91 -24.76 1.26
N PHE B 144 -1.32 -24.28 2.35
CA PHE B 144 -0.20 -23.35 2.28
C PHE B 144 1.10 -24.02 1.85
N ASN B 145 1.11 -25.34 1.72
CA ASN B 145 2.33 -26.03 1.30
C ASN B 145 2.43 -26.06 -0.22
N LYS B 146 1.31 -25.85 -0.92
CA LYS B 146 1.27 -25.84 -2.37
C LYS B 146 0.49 -24.61 -2.84
N PRO B 147 0.95 -23.39 -2.48
CA PRO B 147 0.23 -22.16 -2.83
C PRO B 147 0.42 -21.90 -4.31
N ARG B 148 -0.66 -21.58 -5.03
CA ARG B 148 -0.58 -21.39 -6.47
C ARG B 148 -1.16 -20.03 -6.86
N PHE B 149 -0.88 -19.65 -8.11
CA PHE B 149 -1.29 -18.40 -8.68
C PHE B 149 -2.70 -18.55 -9.23
N ASP B 150 -3.59 -17.61 -8.89
CA ASP B 150 -4.87 -17.49 -9.57
C ASP B 150 -5.36 -16.05 -9.49
N PHE B 151 -6.34 -15.72 -10.34
CA PHE B 151 -6.93 -14.39 -10.39
C PHE B 151 -8.15 -14.31 -9.47
N TYR B 152 -8.35 -13.15 -8.83
CA TYR B 152 -9.63 -12.75 -8.26
C TYR B 152 -10.75 -12.91 -9.29
N GLU B 153 -11.85 -13.55 -8.85
CA GLU B 153 -13.05 -13.68 -9.66
C GLU B 153 -13.98 -12.55 -9.20
N GLY B 154 -13.69 -11.33 -9.70
CA GLY B 154 -14.30 -10.13 -9.17
C GLY B 154 -13.80 -8.90 -9.88
N ALA B 155 -14.27 -7.74 -9.43
CA ALA B 155 -14.07 -6.48 -10.12
C ALA B 155 -12.78 -5.79 -9.65
N VAL B 156 -12.14 -5.05 -10.55
CA VAL B 156 -11.00 -4.19 -10.22
C VAL B 156 -11.24 -2.79 -10.76
N TYR B 157 -10.76 -1.76 -10.06
CA TYR B 157 -10.79 -0.39 -10.55
C TYR B 157 -9.36 0.19 -10.59
#